data_8HQX
#
_entry.id   8HQX
#
_cell.length_a   81.863
_cell.length_b   50.831
_cell.length_c   72.643
_cell.angle_alpha   90.00
_cell.angle_beta   93.97
_cell.angle_gamma   90.00
#
_symmetry.space_group_name_H-M   'C 1 2 1'
#
loop_
_entity.id
_entity.type
_entity.pdbx_description
1 polymer "Coatomer subunit beta'"
2 polymer 'TAT-WDM KxKxx motif'
3 water water
#
loop_
_entity_poly.entity_id
_entity_poly.type
_entity_poly.pdbx_seq_one_letter_code
_entity_poly.pdbx_strand_id
1 'polypeptide(L)'
;MKLDIKKTFSNRSDRVKGIDFHPTEPWVLTTLYSGRVEIWNYETQVEVRSIQVTETPVRAGKFIARKNWIIVGSDDFRIR
VFNYNTGEKVVDFEAHPDYIRSIAVHPTKPYVLSGSDDLTVKLWNWENNWALEQTFEGHEHFVMCVAFNPKDPSTFASGC
LDRTVKVWSLGQSTPNFTLTTGQERGVNYVDYYPLPDKPYMITASDDLTIKIWDYQTKSCVATLEGHMSNVSFAVFHPTL
PIIISGSEDGTLKIWNSSTYKVEKTLNVGLERSWCIATHPTGRKNYIASGFDNGFTVLSLG
;
A
2 'polypeptide(L)' AKEKSD B
#
# COMPACT_ATOMS: atom_id res chain seq x y z
N LEU A 3 12.92 15.09 -14.59
CA LEU A 3 12.89 13.61 -14.38
C LEU A 3 14.22 13.02 -14.85
N ASP A 4 15.17 12.97 -13.93
CA ASP A 4 16.44 12.21 -14.03
C ASP A 4 16.38 11.06 -13.02
N ILE A 5 16.03 9.89 -13.52
CA ILE A 5 15.78 8.72 -12.69
C ILE A 5 17.10 7.99 -12.46
N LYS A 6 17.54 7.95 -11.19
CA LYS A 6 18.79 7.33 -10.82
C LYS A 6 18.55 6.12 -9.92
N LYS A 7 19.37 5.10 -10.13
CA LYS A 7 19.19 3.78 -9.53
C LYS A 7 19.96 3.75 -8.21
N THR A 8 19.26 3.92 -7.09
CA THR A 8 19.92 4.07 -5.80
C THR A 8 20.37 2.72 -5.23
N PHE A 9 19.46 1.76 -5.12
CA PHE A 9 19.77 0.47 -4.53
C PHE A 9 18.74 -0.55 -4.98
N SER A 10 19.18 -1.60 -5.66
CA SER A 10 18.35 -2.79 -5.93
C SER A 10 19.02 -4.02 -5.29
N ASN A 11 18.20 -4.99 -4.93
CA ASN A 11 18.70 -6.26 -4.37
C ASN A 11 17.67 -7.35 -4.67
N ARG A 12 18.16 -8.55 -4.88
CA ARG A 12 17.28 -9.68 -5.18
C ARG A 12 16.83 -10.32 -3.85
N SER A 13 15.62 -10.83 -3.89
CA SER A 13 14.95 -11.46 -2.72
C SER A 13 13.80 -12.31 -3.25
N ASP A 14 13.18 -13.05 -2.35
CA ASP A 14 11.87 -13.61 -2.64
C ASP A 14 10.85 -12.49 -2.85
N ARG A 15 9.69 -12.86 -3.37
CA ARG A 15 8.70 -11.89 -3.83
C ARG A 15 8.36 -10.87 -2.77
N VAL A 16 8.47 -9.60 -3.13
CA VAL A 16 8.19 -8.49 -2.22
C VAL A 16 6.73 -8.08 -2.39
N LYS A 17 5.92 -8.25 -1.33
CA LYS A 17 4.50 -7.91 -1.35
C LYS A 17 4.19 -6.59 -0.65
N GLY A 18 5.00 -6.17 0.32
CA GLY A 18 4.82 -4.88 0.95
C GLY A 18 6.14 -4.13 1.01
N ILE A 19 6.04 -2.80 1.08
CA ILE A 19 7.22 -1.95 1.10
C ILE A 19 6.85 -0.62 1.74
N ASP A 20 7.80 -0.01 2.44
CA ASP A 20 7.54 1.25 3.12
C ASP A 20 8.86 1.99 3.37
N PHE A 21 8.83 3.31 3.26
CA PHE A 21 9.99 4.14 3.61
C PHE A 21 9.89 4.57 5.07
N HIS A 22 11.04 4.62 5.72
CA HIS A 22 11.14 5.25 7.04
C HIS A 22 11.24 6.77 6.85
N PRO A 23 10.52 7.57 7.64
CA PRO A 23 10.45 9.00 7.36
C PRO A 23 11.73 9.77 7.67
N THR A 24 12.53 9.32 8.62
CA THR A 24 13.74 10.04 9.01
C THR A 24 15.03 9.26 8.79
N GLU A 25 14.98 7.95 8.77
CA GLU A 25 16.18 7.15 8.48
C GLU A 25 16.16 6.68 7.04
N PRO A 26 17.31 6.59 6.38
CA PRO A 26 17.32 6.15 4.98
C PRO A 26 17.08 4.65 4.85
N TRP A 27 15.92 4.18 5.33
CA TRP A 27 15.59 2.77 5.39
C TRP A 27 14.38 2.46 4.53
N VAL A 28 14.37 1.24 3.98
CA VAL A 28 13.19 0.67 3.34
C VAL A 28 12.88 -0.66 4.00
N LEU A 29 11.59 -0.87 4.29
CA LEU A 29 11.07 -2.13 4.79
C LEU A 29 10.47 -2.91 3.64
N THR A 30 10.84 -4.17 3.50
CA THR A 30 10.15 -5.07 2.57
C THR A 30 9.56 -6.23 3.35
N THR A 31 8.41 -6.71 2.88
CA THR A 31 7.76 -7.88 3.47
C THR A 31 7.56 -8.89 2.36
N LEU A 32 8.02 -10.12 2.58
CA LEU A 32 8.16 -11.09 1.50
C LEU A 32 7.12 -12.19 1.57
N TYR A 33 6.86 -12.78 0.39
CA TYR A 33 5.97 -13.93 0.26
C TYR A 33 6.43 -15.14 1.05
N SER A 34 7.70 -15.15 1.47
CA SER A 34 8.30 -16.27 2.19
C SER A 34 8.14 -16.16 3.70
N GLY A 35 7.60 -15.06 4.21
CA GLY A 35 7.46 -14.86 5.63
C GLY A 35 8.55 -14.03 6.27
N ARG A 36 9.57 -13.65 5.50
CA ARG A 36 10.65 -12.80 5.98
C ARG A 36 10.29 -11.34 5.75
N VAL A 37 10.82 -10.48 6.61
CA VAL A 37 10.81 -9.04 6.38
C VAL A 37 12.26 -8.55 6.47
N GLU A 38 12.58 -7.52 5.70
CA GLU A 38 13.92 -6.97 5.65
C GLU A 38 13.87 -5.45 5.78
N ILE A 39 14.81 -4.89 6.52
CA ILE A 39 14.97 -3.45 6.61
C ILE A 39 16.37 -3.11 6.10
N TRP A 40 16.42 -2.35 5.02
CA TRP A 40 17.67 -2.00 4.36
C TRP A 40 17.94 -0.52 4.50
N ASN A 41 19.18 -0.17 4.81
CA ASN A 41 19.68 1.18 4.62
C ASN A 41 20.11 1.28 3.16
N TYR A 42 19.29 1.93 2.33
CA TYR A 42 19.55 1.97 0.89
C TYR A 42 20.67 2.92 0.49
N GLU A 43 21.17 3.74 1.41
CA GLU A 43 22.35 4.56 1.09
C GLU A 43 23.63 3.75 1.22
N THR A 44 23.81 3.08 2.37
CA THR A 44 24.99 2.27 2.63
C THR A 44 24.85 0.84 2.12
N GLN A 45 23.65 0.41 1.77
CA GLN A 45 23.41 -0.93 1.19
C GLN A 45 23.68 -2.05 2.20
N VAL A 46 23.35 -1.82 3.46
CA VAL A 46 23.48 -2.87 4.50
C VAL A 46 22.12 -3.10 5.18
N GLU A 47 21.82 -4.36 5.47
CA GLU A 47 20.57 -4.66 6.18
C GLU A 47 20.66 -4.17 7.62
N VAL A 48 19.69 -3.36 8.04
CA VAL A 48 19.66 -2.85 9.44
C VAL A 48 19.05 -3.93 10.33
N ARG A 49 18.11 -4.71 9.79
CA ARG A 49 17.46 -5.79 10.56
C ARG A 49 16.62 -6.69 9.64
N SER A 50 16.60 -7.98 9.93
CA SER A 50 15.79 -8.95 9.16
C SER A 50 15.14 -9.91 10.15
N ILE A 51 13.94 -10.34 9.84
CA ILE A 51 13.18 -11.22 10.73
C ILE A 51 12.47 -12.27 9.90
N GLN A 52 12.56 -13.53 10.33
CA GLN A 52 11.67 -14.57 9.80
C GLN A 52 10.41 -14.56 10.65
N VAL A 53 9.40 -13.81 10.20
CA VAL A 53 8.20 -13.56 10.99
C VAL A 53 7.30 -14.78 11.02
N THR A 54 7.09 -15.40 9.87
CA THR A 54 6.19 -16.54 9.76
C THR A 54 6.66 -17.40 8.59
N GLU A 55 5.95 -18.49 8.34
CA GLU A 55 6.19 -19.30 7.15
C GLU A 55 5.20 -19.00 6.02
N THR A 56 4.25 -18.10 6.22
CA THR A 56 3.26 -17.69 5.23
C THR A 56 3.63 -16.35 4.63
N PRO A 57 3.02 -15.97 3.50
CA PRO A 57 3.31 -14.65 2.92
C PRO A 57 2.95 -13.51 3.88
N VAL A 58 3.80 -12.48 3.89
CA VAL A 58 3.56 -11.26 4.65
C VAL A 58 3.24 -10.17 3.65
N ARG A 59 1.95 -9.90 3.45
CA ARG A 59 1.53 -9.01 2.37
C ARG A 59 1.53 -7.54 2.74
N ALA A 60 1.56 -7.20 4.03
CA ALA A 60 1.42 -5.81 4.44
C ALA A 60 2.45 -5.46 5.49
N GLY A 61 3.07 -4.30 5.35
CA GLY A 61 4.04 -3.84 6.31
C GLY A 61 4.21 -2.34 6.30
N LYS A 62 4.28 -1.74 7.49
CA LYS A 62 4.46 -0.30 7.61
C LYS A 62 5.37 0.01 8.78
N PHE A 63 6.18 1.05 8.62
CA PHE A 63 6.83 1.66 9.76
C PHE A 63 5.80 2.39 10.62
N ILE A 64 5.98 2.31 11.94
CA ILE A 64 5.33 3.24 12.85
C ILE A 64 6.46 4.00 13.53
N ALA A 65 6.97 5.02 12.87
CA ALA A 65 8.25 5.61 13.26
C ALA A 65 8.21 6.18 14.66
N ARG A 66 7.13 6.87 15.03
CA ARG A 66 7.11 7.51 16.34
C ARG A 66 7.11 6.52 17.49
N LYS A 67 6.94 5.23 17.22
CA LYS A 67 7.03 4.18 18.23
C LYS A 67 8.21 3.25 18.00
N ASN A 68 9.02 3.49 16.96
CA ASN A 68 10.16 2.64 16.61
C ASN A 68 9.70 1.21 16.33
N TRP A 69 8.58 1.07 15.64
CA TRP A 69 7.98 -0.21 15.31
C TRP A 69 7.89 -0.40 13.80
N ILE A 70 7.80 -1.67 13.40
CA ILE A 70 7.17 -2.06 12.16
C ILE A 70 5.94 -2.88 12.53
N ILE A 71 4.88 -2.76 11.72
CA ILE A 71 3.69 -3.58 11.88
C ILE A 71 3.48 -4.35 10.58
N VAL A 72 3.25 -5.66 10.70
CA VAL A 72 3.11 -6.50 9.51
C VAL A 72 1.88 -7.37 9.66
N GLY A 73 1.35 -7.80 8.51
CA GLY A 73 0.21 -8.70 8.51
C GLY A 73 0.41 -9.79 7.49
N SER A 74 0.04 -11.02 7.81
CA SER A 74 0.42 -12.17 6.98
C SER A 74 -0.78 -13.08 6.75
N ASP A 75 -0.61 -14.00 5.79
CA ASP A 75 -1.66 -14.94 5.43
C ASP A 75 -1.99 -15.91 6.55
N ASP A 76 -1.19 -15.95 7.62
CA ASP A 76 -1.53 -16.76 8.78
C ASP A 76 -2.56 -16.10 9.68
N PHE A 77 -3.12 -14.97 9.25
CA PHE A 77 -4.24 -14.25 9.85
C PHE A 77 -3.79 -13.25 10.91
N ARG A 78 -2.48 -13.07 11.07
CA ARG A 78 -1.96 -12.41 12.25
C ARG A 78 -1.34 -11.06 11.93
N ILE A 79 -1.59 -10.11 12.83
CA ILE A 79 -0.86 -8.84 12.89
C ILE A 79 0.24 -8.99 13.92
N ARG A 80 1.46 -8.64 13.55
CA ARG A 80 2.58 -8.66 14.48
C ARG A 80 3.29 -7.32 14.44
N VAL A 81 3.81 -6.91 15.58
CA VAL A 81 4.53 -5.65 15.69
C VAL A 81 5.89 -5.91 16.33
N PHE A 82 6.94 -5.37 15.71
CA PHE A 82 8.31 -5.56 16.17
C PHE A 82 8.95 -4.20 16.39
N ASN A 83 9.82 -4.12 17.38
CA ASN A 83 10.66 -2.95 17.61
C ASN A 83 11.90 -3.10 16.74
N TYR A 84 12.05 -2.22 15.73
CA TYR A 84 13.15 -2.40 14.79
C TYR A 84 14.51 -2.08 15.40
N ASN A 85 14.55 -1.42 16.56
CA ASN A 85 15.82 -1.19 17.23
C ASN A 85 16.27 -2.40 18.04
N THR A 86 15.35 -3.07 18.72
CA THR A 86 15.70 -4.22 19.54
C THR A 86 15.41 -5.56 18.90
N GLY A 87 14.59 -5.59 17.83
CA GLY A 87 14.22 -6.82 17.18
C GLY A 87 13.15 -7.63 17.87
N GLU A 88 12.70 -7.21 19.05
CA GLU A 88 11.74 -7.99 19.82
C GLU A 88 10.32 -7.77 19.34
N LYS A 89 9.53 -8.84 19.37
CA LYS A 89 8.12 -8.78 18.99
C LYS A 89 7.34 -8.15 20.12
N VAL A 90 6.53 -7.14 19.81
CA VAL A 90 5.84 -6.46 20.91
C VAL A 90 4.39 -6.91 21.00
N VAL A 91 3.78 -7.32 19.89
CA VAL A 91 2.41 -7.82 19.88
C VAL A 91 2.28 -8.89 18.79
N ASP A 92 1.33 -9.81 18.99
CA ASP A 92 1.09 -10.89 18.04
C ASP A 92 -0.33 -11.41 18.30
N PHE A 93 -1.27 -11.07 17.42
CA PHE A 93 -2.67 -11.48 17.61
C PHE A 93 -3.33 -11.77 16.28
N GLU A 94 -4.30 -12.68 16.29
CA GLU A 94 -5.08 -12.96 15.09
C GLU A 94 -6.08 -11.85 14.87
N ALA A 95 -5.91 -11.12 13.78
CA ALA A 95 -6.72 -9.93 13.49
C ALA A 95 -7.96 -10.23 12.67
N HIS A 96 -7.88 -11.20 11.76
CA HIS A 96 -8.97 -11.57 10.85
C HIS A 96 -8.94 -13.08 10.69
N PRO A 97 -10.07 -13.70 10.39
CA PRO A 97 -10.06 -15.14 10.10
C PRO A 97 -9.69 -15.44 8.65
N ASP A 98 -8.94 -14.54 8.01
CA ASP A 98 -8.54 -14.73 6.62
C ASP A 98 -7.33 -13.83 6.33
N TYR A 99 -6.88 -13.84 5.07
CA TYR A 99 -5.67 -13.13 4.69
C TYR A 99 -5.77 -11.64 4.99
N ILE A 100 -4.65 -11.05 5.42
CA ILE A 100 -4.54 -9.61 5.60
C ILE A 100 -3.85 -9.04 4.38
N ARG A 101 -4.54 -8.14 3.67
CA ARG A 101 -4.02 -7.59 2.43
C ARG A 101 -3.28 -6.27 2.60
N SER A 102 -3.65 -5.48 3.62
CA SER A 102 -3.26 -4.08 3.63
C SER A 102 -3.36 -3.54 5.05
N ILE A 103 -2.39 -2.70 5.42
CA ILE A 103 -2.36 -2.06 6.73
C ILE A 103 -2.07 -0.58 6.53
N ALA A 104 -2.81 0.27 7.23
CA ALA A 104 -2.52 1.70 7.24
C ALA A 104 -2.41 2.18 8.68
N VAL A 105 -1.54 3.16 8.89
CA VAL A 105 -1.29 3.72 10.22
C VAL A 105 -1.77 5.17 10.24
N HIS A 106 -2.54 5.51 11.26
CA HIS A 106 -3.03 6.89 11.40
C HIS A 106 -1.86 7.83 11.69
N PRO A 107 -1.83 9.03 11.11
CA PRO A 107 -0.63 9.87 11.24
C PRO A 107 -0.45 10.52 12.60
N THR A 108 -1.50 10.68 13.42
CA THR A 108 -1.37 11.37 14.70
C THR A 108 -1.99 10.61 15.88
N LYS A 109 -2.87 9.67 15.65
CA LYS A 109 -3.55 8.92 16.68
C LYS A 109 -3.10 7.46 16.67
N PRO A 110 -3.17 6.77 17.82
CA PRO A 110 -2.65 5.40 17.91
C PRO A 110 -3.54 4.35 17.25
N TYR A 111 -3.86 4.57 15.98
CA TYR A 111 -4.80 3.73 15.24
C TYR A 111 -4.09 3.06 14.08
N VAL A 112 -4.48 1.81 13.82
CA VAL A 112 -4.07 1.08 12.63
C VAL A 112 -5.32 0.47 12.02
N LEU A 113 -5.39 0.47 10.69
CA LEU A 113 -6.44 -0.20 9.95
C LEU A 113 -5.87 -1.44 9.27
N SER A 114 -6.65 -2.51 9.20
CA SER A 114 -6.26 -3.70 8.45
C SER A 114 -7.42 -4.07 7.53
N GLY A 115 -7.10 -4.35 6.26
CA GLY A 115 -8.09 -4.82 5.29
C GLY A 115 -7.84 -6.29 5.00
N SER A 116 -8.92 -7.07 4.96
CA SER A 116 -8.78 -8.51 4.91
C SER A 116 -9.71 -9.14 3.88
N ASP A 117 -9.38 -10.36 3.50
CA ASP A 117 -10.24 -11.20 2.68
C ASP A 117 -11.54 -11.59 3.39
N ASP A 118 -11.64 -11.35 4.72
CA ASP A 118 -12.88 -11.63 5.43
C ASP A 118 -13.93 -10.58 5.16
N LEU A 119 -13.66 -9.72 4.19
CA LEU A 119 -14.56 -8.70 3.66
C LEU A 119 -14.67 -7.49 4.58
N THR A 120 -13.76 -7.30 5.53
CA THR A 120 -13.90 -6.21 6.49
C THR A 120 -12.64 -5.36 6.52
N VAL A 121 -12.79 -4.17 7.09
CA VAL A 121 -11.68 -3.36 7.59
C VAL A 121 -11.85 -3.27 9.10
N LYS A 122 -10.75 -3.40 9.84
CA LYS A 122 -10.77 -3.38 11.29
C LYS A 122 -9.83 -2.29 11.82
N LEU A 123 -10.27 -1.61 12.87
CA LEU A 123 -9.51 -0.54 13.50
C LEU A 123 -8.99 -1.01 14.84
N TRP A 124 -7.67 -0.91 15.05
CA TRP A 124 -7.02 -1.32 16.28
C TRP A 124 -6.37 -0.10 16.94
N ASN A 125 -6.40 -0.08 18.28
CA ASN A 125 -5.89 1.06 19.06
C ASN A 125 -4.76 0.56 19.95
N TRP A 126 -3.52 0.94 19.63
CA TRP A 126 -2.39 0.42 20.38
C TRP A 126 -2.24 1.05 21.75
N GLU A 127 -2.87 2.20 21.99
CA GLU A 127 -2.90 2.76 23.35
C GLU A 127 -4.03 2.17 24.19
N ASN A 128 -4.84 1.28 23.63
CA ASN A 128 -5.87 0.57 24.36
C ASN A 128 -5.60 -0.94 24.28
N ASN A 129 -4.33 -1.32 24.42
CA ASN A 129 -3.92 -2.72 24.44
C ASN A 129 -4.24 -3.41 23.13
N TRP A 130 -4.16 -2.69 22.01
CA TRP A 130 -4.45 -3.23 20.68
C TRP A 130 -5.88 -3.75 20.59
N ALA A 131 -6.80 -3.10 21.29
CA ALA A 131 -8.19 -3.52 21.26
C ALA A 131 -8.80 -3.26 19.90
N LEU A 132 -9.70 -4.13 19.49
CA LEU A 132 -10.50 -3.90 18.29
C LEU A 132 -11.52 -2.81 18.59
N GLU A 133 -11.39 -1.66 17.95
CA GLU A 133 -12.30 -0.54 18.27
C GLU A 133 -13.47 -0.46 17.28
N GLN A 134 -13.36 -1.02 16.08
CA GLN A 134 -14.49 -0.96 15.15
C GLN A 134 -14.24 -1.87 13.95
N THR A 135 -15.32 -2.45 13.41
CA THR A 135 -15.28 -3.19 12.15
C THR A 135 -16.19 -2.48 11.16
N PHE A 136 -15.63 -2.20 9.98
CA PHE A 136 -16.34 -1.58 8.87
C PHE A 136 -16.80 -2.70 7.95
N GLU A 137 -18.08 -3.05 8.02
CA GLU A 137 -18.68 -4.09 7.20
C GLU A 137 -19.43 -3.46 6.03
N GLY A 138 -19.38 -4.11 4.88
CA GLY A 138 -20.09 -3.62 3.71
C GLY A 138 -19.60 -4.17 2.38
N HIS A 139 -18.30 -4.38 2.26
CA HIS A 139 -17.75 -4.86 1.00
C HIS A 139 -18.21 -6.28 0.70
N GLU A 140 -18.14 -6.65 -0.58
CA GLU A 140 -18.66 -7.93 -1.05
C GLU A 140 -17.57 -8.86 -1.54
N HIS A 141 -16.31 -8.47 -1.45
CA HIS A 141 -15.17 -9.31 -1.83
C HIS A 141 -13.97 -8.88 -1.01
N PHE A 142 -12.78 -9.39 -1.35
CA PHE A 142 -11.56 -9.12 -0.59
C PHE A 142 -11.27 -7.63 -0.53
N VAL A 143 -10.98 -7.13 0.67
CA VAL A 143 -10.50 -5.75 0.80
C VAL A 143 -9.00 -5.77 0.50
N MET A 144 -8.61 -5.14 -0.60
CA MET A 144 -7.24 -5.22 -1.10
C MET A 144 -6.35 -4.08 -0.64
N CYS A 145 -6.93 -2.94 -0.26
CA CYS A 145 -6.11 -1.78 0.07
C CYS A 145 -6.90 -0.85 0.98
N VAL A 146 -6.21 -0.25 1.94
CA VAL A 146 -6.80 0.70 2.88
C VAL A 146 -5.85 1.88 2.99
N ALA A 147 -6.40 3.11 3.00
CA ALA A 147 -5.55 4.28 3.10
C ALA A 147 -6.32 5.42 3.78
N PHE A 148 -5.70 6.03 4.79
CA PHE A 148 -6.26 7.23 5.39
C PHE A 148 -6.24 8.39 4.40
N ASN A 149 -7.17 9.32 4.56
CA ASN A 149 -7.07 10.59 3.87
C ASN A 149 -6.04 11.44 4.60
N PRO A 150 -4.91 11.78 3.97
CA PRO A 150 -3.90 12.57 4.69
C PRO A 150 -4.39 13.95 5.08
N LYS A 151 -5.30 14.54 4.31
CA LYS A 151 -5.85 15.85 4.65
C LYS A 151 -6.97 15.77 5.68
N ASP A 152 -7.49 14.58 5.95
CA ASP A 152 -8.50 14.39 6.98
C ASP A 152 -8.48 12.94 7.43
N PRO A 153 -7.58 12.56 8.33
CA PRO A 153 -7.41 11.14 8.68
C PRO A 153 -8.51 10.61 9.58
N SER A 154 -9.55 11.40 9.83
CA SER A 154 -10.78 10.85 10.40
C SER A 154 -11.58 10.08 9.36
N THR A 155 -11.15 10.10 8.10
CA THR A 155 -11.76 9.33 7.02
C THR A 155 -10.69 8.49 6.34
N PHE A 156 -11.12 7.43 5.69
CA PHE A 156 -10.22 6.55 4.98
C PHE A 156 -10.98 5.85 3.88
N ALA A 157 -10.24 5.34 2.90
CA ALA A 157 -10.80 4.64 1.76
C ALA A 157 -10.37 3.18 1.78
N SER A 158 -11.27 2.31 1.35
CA SER A 158 -10.97 0.90 1.15
C SER A 158 -11.24 0.56 -0.31
N GLY A 159 -10.30 -0.16 -0.92
CA GLY A 159 -10.46 -0.64 -2.29
C GLY A 159 -10.65 -2.15 -2.27
N CYS A 160 -11.58 -2.63 -3.07
CA CYS A 160 -12.08 -3.97 -2.88
C CYS A 160 -12.29 -4.66 -4.23
N LEU A 161 -12.14 -5.99 -4.23
CA LEU A 161 -12.41 -6.77 -5.44
C LEU A 161 -13.87 -6.73 -5.86
N ASP A 162 -14.76 -6.19 -5.02
CA ASP A 162 -16.16 -6.04 -5.41
C ASP A 162 -16.38 -4.88 -6.37
N ARG A 163 -15.31 -4.35 -6.97
CA ARG A 163 -15.35 -3.28 -7.96
C ARG A 163 -15.74 -1.93 -7.35
N THR A 164 -15.67 -1.77 -6.03
CA THR A 164 -16.01 -0.50 -5.41
C THR A 164 -14.86 0.03 -4.56
N VAL A 165 -14.92 1.32 -4.31
CA VAL A 165 -14.13 2.00 -3.28
C VAL A 165 -15.13 2.59 -2.30
N LYS A 166 -14.95 2.31 -1.01
CA LYS A 166 -15.81 2.87 0.02
C LYS A 166 -14.99 3.81 0.89
N VAL A 167 -15.55 4.99 1.18
CA VAL A 167 -14.91 5.98 2.03
C VAL A 167 -15.70 6.06 3.32
N TRP A 168 -15.02 5.91 4.45
CA TRP A 168 -15.64 5.76 5.75
C TRP A 168 -15.17 6.87 6.68
N SER A 169 -16.00 7.17 7.68
CA SER A 169 -15.59 8.01 8.80
C SER A 169 -15.39 7.13 10.03
N LEU A 170 -14.30 7.40 10.76
CA LEU A 170 -14.08 6.69 12.02
C LEU A 170 -15.24 6.93 12.98
N GLY A 171 -15.80 5.84 13.51
CA GLY A 171 -16.93 5.97 14.46
C GLY A 171 -18.29 5.79 13.82
N GLN A 172 -18.34 5.65 12.49
CA GLN A 172 -19.62 5.50 11.74
C GLN A 172 -19.63 4.13 11.06
N SER A 173 -20.76 3.42 11.09
CA SER A 173 -20.85 2.01 10.61
C SER A 173 -21.02 1.90 9.11
N THR A 174 -21.47 2.95 8.46
CA THR A 174 -21.72 2.82 7.03
C THR A 174 -20.83 3.77 6.25
N PRO A 175 -20.55 3.48 4.98
CA PRO A 175 -19.67 4.36 4.20
C PRO A 175 -20.30 5.75 4.02
N ASN A 176 -19.43 6.76 4.05
CA ASN A 176 -19.85 8.10 3.62
C ASN A 176 -20.33 8.07 2.18
N PHE A 177 -19.69 7.27 1.34
CA PHE A 177 -20.20 6.98 0.00
C PHE A 177 -19.49 5.74 -0.52
N THR A 178 -20.07 5.16 -1.56
CA THR A 178 -19.47 4.02 -2.26
C THR A 178 -19.29 4.39 -3.71
N LEU A 179 -18.07 4.21 -4.21
CA LEU A 179 -17.69 4.63 -5.56
C LEU A 179 -17.75 3.42 -6.48
N THR A 180 -18.67 3.44 -7.44
CA THR A 180 -18.76 2.39 -8.46
C THR A 180 -17.68 2.66 -9.50
N THR A 181 -16.58 1.92 -9.43
CA THR A 181 -15.41 2.25 -10.24
C THR A 181 -15.63 1.95 -11.71
N GLY A 182 -16.46 0.96 -12.04
CA GLY A 182 -16.52 0.47 -13.40
C GLY A 182 -15.37 -0.42 -13.80
N GLN A 183 -14.34 -0.53 -12.97
CA GLN A 183 -13.22 -1.47 -13.20
C GLN A 183 -13.71 -2.85 -12.78
N GLU A 184 -14.26 -3.58 -13.74
CA GLU A 184 -15.07 -4.75 -13.46
C GLU A 184 -14.28 -5.96 -13.00
N ARG A 185 -12.95 -5.92 -13.07
CA ARG A 185 -12.13 -6.98 -12.50
C ARG A 185 -11.68 -6.66 -11.09
N GLY A 186 -12.23 -5.62 -10.47
CA GLY A 186 -11.99 -5.30 -9.08
C GLY A 186 -11.02 -4.14 -8.92
N VAL A 187 -10.90 -3.68 -7.67
CA VAL A 187 -9.96 -2.63 -7.29
C VAL A 187 -8.86 -3.26 -6.45
N ASN A 188 -7.60 -3.15 -6.91
CA ASN A 188 -6.44 -3.66 -6.18
C ASN A 188 -5.82 -2.63 -5.25
N TYR A 189 -5.97 -1.34 -5.53
CA TYR A 189 -5.25 -0.31 -4.80
C TYR A 189 -6.08 0.96 -4.81
N VAL A 190 -5.92 1.78 -3.77
CA VAL A 190 -6.52 3.11 -3.72
C VAL A 190 -5.59 4.02 -2.93
N ASP A 191 -5.43 5.26 -3.42
CA ASP A 191 -4.49 6.21 -2.87
C ASP A 191 -5.11 7.60 -2.95
N TYR A 192 -4.72 8.48 -2.02
CA TYR A 192 -5.17 9.86 -2.06
C TYR A 192 -4.08 10.76 -2.63
N TYR A 193 -4.51 11.78 -3.35
CA TYR A 193 -3.63 12.89 -3.68
C TYR A 193 -3.44 13.75 -2.44
N PRO A 194 -2.21 14.12 -2.11
CA PRO A 194 -1.94 14.64 -0.76
C PRO A 194 -2.16 16.12 -0.60
N LEU A 195 -2.22 16.86 -1.70
CA LEU A 195 -2.24 18.31 -1.58
C LEU A 195 -3.67 18.85 -1.58
N PRO A 196 -3.89 20.03 -1.03
CA PRO A 196 -5.27 20.52 -0.82
C PRO A 196 -5.96 21.07 -2.06
N ASP A 197 -5.27 21.22 -3.20
CA ASP A 197 -5.90 21.86 -4.34
C ASP A 197 -6.77 20.91 -5.17
N LYS A 198 -6.72 19.60 -4.91
CA LYS A 198 -7.55 18.66 -5.65
C LYS A 198 -8.08 17.56 -4.72
N PRO A 199 -9.39 17.37 -4.65
CA PRO A 199 -9.95 16.24 -3.86
C PRO A 199 -9.92 14.95 -4.66
N TYR A 200 -8.71 14.42 -4.84
CA TYR A 200 -8.46 13.34 -5.79
C TYR A 200 -8.12 12.02 -5.10
N MET A 201 -8.64 10.93 -5.64
CA MET A 201 -8.20 9.57 -5.31
C MET A 201 -7.93 8.84 -6.61
N ILE A 202 -7.14 7.77 -6.50
CA ILE A 202 -6.71 7.01 -7.67
C ILE A 202 -6.82 5.52 -7.37
N THR A 203 -7.28 4.76 -8.37
CA THR A 203 -7.51 3.33 -8.22
C THR A 203 -6.84 2.56 -9.36
N ALA A 204 -6.35 1.36 -9.04
CA ALA A 204 -5.70 0.48 -10.00
C ALA A 204 -6.40 -0.87 -10.00
N SER A 205 -6.47 -1.50 -11.17
CA SER A 205 -7.32 -2.65 -11.35
C SER A 205 -6.63 -3.68 -12.24
N ASP A 206 -7.06 -4.95 -12.08
CA ASP A 206 -6.69 -6.00 -13.03
C ASP A 206 -7.27 -5.77 -14.42
N ASP A 207 -8.16 -4.79 -14.59
CA ASP A 207 -8.71 -4.48 -15.91
C ASP A 207 -7.79 -3.58 -16.73
N LEU A 208 -6.53 -3.44 -16.32
CA LEU A 208 -5.44 -2.72 -16.99
C LEU A 208 -5.61 -1.21 -16.94
N THR A 209 -6.63 -0.70 -16.27
CA THR A 209 -6.84 0.74 -16.20
C THR A 209 -6.40 1.29 -14.85
N ILE A 210 -6.13 2.58 -14.86
CA ILE A 210 -5.89 3.38 -13.66
C ILE A 210 -6.84 4.57 -13.77
N LYS A 211 -7.55 4.87 -12.69
CA LYS A 211 -8.56 5.94 -12.75
C LYS A 211 -8.37 6.94 -11.64
N ILE A 212 -8.54 8.23 -11.98
CA ILE A 212 -8.53 9.33 -11.03
C ILE A 212 -9.97 9.69 -10.72
N TRP A 213 -10.24 9.98 -9.45
CA TRP A 213 -11.58 10.22 -8.96
C TRP A 213 -11.63 11.52 -8.20
N ASP A 214 -12.68 12.32 -8.45
CA ASP A 214 -13.05 13.43 -7.60
C ASP A 214 -13.95 12.88 -6.49
N TYR A 215 -13.51 12.93 -5.25
CA TYR A 215 -14.29 12.31 -4.19
C TYR A 215 -15.36 13.22 -3.61
N GLN A 216 -15.45 14.47 -4.08
CA GLN A 216 -16.57 15.32 -3.69
C GLN A 216 -17.77 15.09 -4.59
N THR A 217 -17.54 14.93 -5.89
CA THR A 217 -18.59 14.67 -6.86
C THR A 217 -18.71 13.20 -7.24
N LYS A 218 -17.75 12.37 -6.85
CA LYS A 218 -17.70 10.94 -7.15
C LYS A 218 -17.50 10.65 -8.64
N SER A 219 -16.97 11.61 -9.39
CA SER A 219 -16.79 11.44 -10.83
C SER A 219 -15.39 10.97 -11.16
N CYS A 220 -15.26 10.33 -12.32
CA CYS A 220 -13.97 9.93 -12.85
C CYS A 220 -13.36 11.09 -13.64
N VAL A 221 -12.20 11.57 -13.17
CA VAL A 221 -11.54 12.71 -13.79
C VAL A 221 -10.79 12.28 -15.05
N ALA A 222 -10.15 11.12 -15.01
CA ALA A 222 -9.31 10.68 -16.11
C ALA A 222 -9.08 9.19 -15.99
N THR A 223 -8.67 8.58 -17.10
CA THR A 223 -8.34 7.17 -17.15
C THR A 223 -6.96 7.00 -17.77
N LEU A 224 -6.07 6.33 -17.05
CA LEU A 224 -4.69 6.13 -17.49
C LEU A 224 -4.55 4.70 -17.99
N GLU A 225 -4.23 4.55 -19.27
CA GLU A 225 -4.16 3.25 -19.92
C GLU A 225 -2.79 3.07 -20.55
N GLY A 226 -2.35 1.82 -20.63
CA GLY A 226 -1.05 1.54 -21.22
C GLY A 226 -0.38 0.29 -20.70
N HIS A 227 -0.60 -0.03 -19.43
CA HIS A 227 -0.07 -1.27 -18.88
C HIS A 227 -0.61 -2.47 -19.65
N MET A 228 0.22 -3.49 -19.78
CA MET A 228 -0.14 -4.68 -20.55
C MET A 228 -0.72 -5.80 -19.69
N SER A 229 -0.70 -5.66 -18.37
CA SER A 229 -1.24 -6.68 -17.48
C SER A 229 -1.76 -5.99 -16.23
N ASN A 230 -2.22 -6.80 -15.27
CA ASN A 230 -2.84 -6.29 -14.04
C ASN A 230 -2.02 -5.16 -13.45
N VAL A 231 -2.69 -4.07 -13.08
CA VAL A 231 -2.01 -2.94 -12.45
C VAL A 231 -2.12 -3.12 -10.94
N SER A 232 -0.97 -3.24 -10.27
CA SER A 232 -0.95 -3.59 -8.85
C SER A 232 -1.14 -2.37 -7.97
N PHE A 233 -0.75 -1.19 -8.43
CA PHE A 233 -0.83 0.01 -7.62
C PHE A 233 -0.73 1.23 -8.54
N ALA A 234 -1.20 2.37 -8.02
CA ALA A 234 -1.03 3.66 -8.66
C ALA A 234 -1.13 4.71 -7.57
N VAL A 235 -0.17 5.65 -7.55
CA VAL A 235 -0.08 6.62 -6.47
C VAL A 235 0.27 7.98 -7.04
N PHE A 236 -0.15 9.02 -6.33
CA PHE A 236 0.36 10.36 -6.57
C PHE A 236 1.69 10.54 -5.84
N HIS A 237 2.63 11.18 -6.50
CA HIS A 237 3.88 11.50 -5.83
C HIS A 237 3.66 12.68 -4.87
N PRO A 238 4.28 12.65 -3.68
CA PRO A 238 3.96 13.69 -2.70
C PRO A 238 4.44 15.08 -3.09
N THR A 239 5.50 15.19 -3.88
CA THR A 239 6.07 16.49 -4.20
C THR A 239 6.21 16.76 -5.70
N LEU A 240 6.34 15.73 -6.54
CA LEU A 240 6.48 15.89 -7.98
C LEU A 240 5.13 15.73 -8.68
N PRO A 241 4.85 16.56 -9.69
CA PRO A 241 3.55 16.47 -10.37
C PRO A 241 3.48 15.24 -11.27
N ILE A 242 3.55 14.05 -10.67
CA ILE A 242 3.57 12.81 -11.42
C ILE A 242 2.75 11.75 -10.67
N ILE A 243 2.36 10.73 -11.41
CA ILE A 243 1.71 9.54 -10.88
C ILE A 243 2.60 8.35 -11.19
N ILE A 244 2.70 7.41 -10.24
CA ILE A 244 3.57 6.25 -10.39
C ILE A 244 2.71 4.98 -10.27
N SER A 245 2.82 4.11 -11.26
CA SER A 245 2.09 2.85 -11.26
C SER A 245 3.05 1.69 -11.48
N GLY A 246 2.59 0.51 -11.13
CA GLY A 246 3.36 -0.71 -11.35
C GLY A 246 2.41 -1.85 -11.67
N SER A 247 2.90 -2.82 -12.42
CA SER A 247 2.01 -3.80 -13.03
C SER A 247 2.70 -5.14 -13.11
N GLU A 248 1.88 -6.18 -13.32
CA GLU A 248 2.41 -7.52 -13.56
C GLU A 248 3.01 -7.67 -14.94
N ASP A 249 2.89 -6.66 -15.81
CA ASP A 249 3.64 -6.64 -17.06
C ASP A 249 5.12 -6.36 -16.83
N GLY A 250 5.53 -6.19 -15.57
CA GLY A 250 6.93 -6.01 -15.22
C GLY A 250 7.43 -4.59 -15.22
N THR A 251 6.57 -3.61 -15.43
CA THR A 251 7.03 -2.24 -15.61
C THR A 251 6.52 -1.33 -14.50
N LEU A 252 7.29 -0.29 -14.25
CA LEU A 252 6.80 0.91 -13.60
C LEU A 252 6.51 1.95 -14.68
N LYS A 253 5.46 2.73 -14.48
CA LYS A 253 5.14 3.83 -15.38
C LYS A 253 5.02 5.11 -14.57
N ILE A 254 5.60 6.18 -15.10
CA ILE A 254 5.50 7.52 -14.52
C ILE A 254 4.64 8.36 -15.44
N TRP A 255 3.50 8.83 -14.94
CA TRP A 255 2.53 9.58 -15.72
C TRP A 255 2.57 11.04 -15.31
N ASN A 256 2.41 11.92 -16.29
CA ASN A 256 2.25 13.35 -16.04
C ASN A 256 0.92 13.59 -15.33
N SER A 257 0.97 14.23 -14.17
CA SER A 257 -0.24 14.35 -13.38
C SER A 257 -1.13 15.51 -13.80
N SER A 258 -0.68 16.33 -14.75
CA SER A 258 -1.51 17.37 -15.36
C SER A 258 -2.18 16.87 -16.64
N THR A 259 -1.39 16.28 -17.54
CA THR A 259 -1.87 15.82 -18.84
C THR A 259 -2.35 14.37 -18.82
N TYR A 260 -2.05 13.64 -17.74
CA TYR A 260 -2.42 12.23 -17.57
C TYR A 260 -1.84 11.34 -18.66
N LYS A 261 -0.75 11.76 -19.27
CA LYS A 261 -0.06 10.99 -20.29
C LYS A 261 1.24 10.39 -19.74
N VAL A 262 1.64 9.26 -20.32
CA VAL A 262 2.82 8.55 -19.82
C VAL A 262 4.07 9.35 -20.17
N GLU A 263 4.95 9.50 -19.19
CA GLU A 263 6.25 10.15 -19.38
C GLU A 263 7.39 9.16 -19.55
N LYS A 264 7.39 8.08 -18.76
CA LYS A 264 8.47 7.10 -18.82
C LYS A 264 7.91 5.73 -18.48
N THR A 265 8.47 4.71 -19.12
CA THR A 265 8.20 3.32 -18.80
C THR A 265 9.50 2.64 -18.42
N LEU A 266 9.56 2.14 -17.20
CA LEU A 266 10.77 1.52 -16.66
C LEU A 266 10.52 0.03 -16.47
N ASN A 267 11.30 -0.79 -17.15
CA ASN A 267 11.32 -2.23 -16.88
C ASN A 267 12.59 -2.53 -16.09
N VAL A 268 12.46 -2.59 -14.77
CA VAL A 268 13.62 -2.77 -13.90
C VAL A 268 14.14 -4.19 -13.88
N GLY A 269 13.46 -5.12 -14.55
CA GLY A 269 14.01 -6.45 -14.73
C GLY A 269 13.85 -7.39 -13.55
N LEU A 270 12.81 -7.20 -12.74
CA LEU A 270 12.62 -8.04 -11.54
C LEU A 270 11.27 -8.75 -11.64
N GLU A 271 10.73 -8.86 -12.85
CA GLU A 271 9.43 -9.52 -13.09
C GLU A 271 8.26 -8.68 -12.55
N ARG A 272 7.19 -9.33 -12.12
CA ARG A 272 5.95 -8.59 -11.73
C ARG A 272 6.14 -7.60 -10.59
N SER A 273 5.58 -6.40 -10.78
CA SER A 273 5.57 -5.41 -9.71
C SER A 273 4.35 -5.61 -8.81
N TRP A 274 4.54 -5.44 -7.50
CA TRP A 274 3.48 -5.72 -6.54
C TRP A 274 3.17 -4.58 -5.59
N CYS A 275 4.14 -3.72 -5.29
CA CYS A 275 3.93 -2.75 -4.23
C CYS A 275 4.83 -1.54 -4.45
N ILE A 276 4.53 -0.47 -3.72
CA ILE A 276 5.11 0.85 -3.96
C ILE A 276 5.22 1.59 -2.64
N ALA A 277 6.24 2.43 -2.55
CA ALA A 277 6.37 3.40 -1.46
C ALA A 277 6.98 4.67 -2.03
N THR A 278 6.57 5.81 -1.49
CA THR A 278 7.22 7.08 -1.74
C THR A 278 7.68 7.66 -0.41
N HIS A 279 8.78 8.41 -0.45
CA HIS A 279 9.31 8.96 0.80
C HIS A 279 8.36 10.02 1.35
N ASN A 285 13.62 12.67 -3.77
CA ASN A 285 12.34 12.27 -4.36
C ASN A 285 12.25 10.75 -4.47
N TYR A 286 12.74 10.06 -3.46
CA TYR A 286 12.84 8.60 -3.48
C TYR A 286 11.48 7.94 -3.72
N ILE A 287 11.50 6.88 -4.54
CA ILE A 287 10.41 5.91 -4.60
C ILE A 287 11.05 4.52 -4.51
N ALA A 288 10.24 3.55 -4.10
CA ALA A 288 10.70 2.16 -4.00
C ALA A 288 9.57 1.25 -4.42
N SER A 289 9.92 0.13 -5.07
CA SER A 289 8.89 -0.80 -5.51
C SER A 289 9.35 -2.23 -5.30
N GLY A 290 8.43 -3.10 -4.93
CA GLY A 290 8.71 -4.51 -4.68
C GLY A 290 8.18 -5.37 -5.78
N PHE A 291 8.96 -6.40 -6.15
CA PHE A 291 8.71 -7.21 -7.34
C PHE A 291 8.86 -8.68 -6.99
N ASP A 292 8.55 -9.52 -7.99
CA ASP A 292 8.72 -10.97 -7.84
C ASP A 292 10.12 -11.33 -7.36
N ASN A 293 11.15 -10.65 -7.88
CA ASN A 293 12.52 -11.10 -7.66
C ASN A 293 13.35 -10.13 -6.84
N GLY A 294 12.74 -9.11 -6.23
CA GLY A 294 13.50 -8.21 -5.37
C GLY A 294 12.78 -6.87 -5.25
N PHE A 295 13.56 -5.85 -4.89
CA PHE A 295 13.05 -4.49 -4.82
C PHE A 295 14.03 -3.55 -5.48
N THR A 296 13.59 -2.31 -5.69
CA THR A 296 14.47 -1.27 -6.19
C THR A 296 14.11 0.05 -5.53
N VAL A 297 15.13 0.85 -5.21
CA VAL A 297 14.95 2.19 -4.68
C VAL A 297 15.49 3.16 -5.72
N LEU A 298 14.65 4.10 -6.15
CA LEU A 298 14.99 5.02 -7.23
C LEU A 298 14.87 6.45 -6.73
N SER A 299 15.82 7.28 -7.16
CA SER A 299 15.75 8.72 -6.96
C SER A 299 15.31 9.38 -8.26
N LEU A 300 14.41 10.35 -8.14
CA LEU A 300 13.94 11.10 -9.30
C LEU A 300 14.48 12.52 -9.37
N GLY A 301 14.82 13.11 -8.23
CA GLY A 301 15.38 14.45 -8.21
C GLY A 301 15.76 14.92 -6.81
N LYS B 2 -6.68 -19.19 -3.57
CA LYS B 2 -7.91 -18.51 -3.97
C LYS B 2 -7.65 -17.52 -5.11
N GLU B 3 -8.33 -16.37 -5.05
CA GLU B 3 -8.33 -15.45 -6.18
C GLU B 3 -6.98 -14.76 -6.35
N LYS B 4 -6.54 -14.01 -5.36
CA LYS B 4 -5.31 -13.23 -5.43
C LYS B 4 -4.26 -13.83 -4.51
N SER B 5 -3.81 -15.04 -4.85
CA SER B 5 -2.91 -15.78 -3.97
C SER B 5 -1.44 -15.43 -4.17
N ASP B 6 -1.04 -15.04 -5.39
CA ASP B 6 0.36 -14.69 -5.64
C ASP B 6 0.75 -13.41 -4.93
#